data_8KB4
#
_entry.id   8KB4
#
_cell.length_a   1.00
_cell.length_b   1.00
_cell.length_c   1.00
_cell.angle_alpha   90.00
_cell.angle_beta   90.00
_cell.angle_gamma   90.00
#
_symmetry.space_group_name_H-M   'P 1'
#
loop_
_entity.id
_entity.type
_entity.pdbx_description
1 polymer 'Transmembrane protein 87A,EGFP'
2 non-polymer 2-acetamido-2-deoxy-beta-D-glucopyranose
3 non-polymer '(9R,12R)-15-amino-12-hydroxy-6,12-dioxo-7,11,13-trioxa-12lambda~5~-phosphapentadecan-9-yl undecanoate'
#
_entity_poly.entity_id   1
_entity_poly.type   'polypeptide(L)'
_entity_poly.pdbx_seq_one_letter_code
;MAAAAWLQVLPVILLLLGAHPSPLSFFSAGPATVAAADRSKWHIPIPSGKNYFSFGKILFRNTTIFLKFDGEPCDLSLNI
TWYLKSADCYNEIYNFKAEEVELYLEKLKEKRGLSGKYQTSSKLFQNCSELFKTQTFSGDFMHRLPLLGEKQEAKENGTN
LTFIGDKTAMHEPLQTWQDAPYIFIVHIGISSSKESSKENSLSNLFTMTVEVKGPYEYLTLEDYPLMIFFMVMCIVYVLF
GVLWLAWSACYWRDLLRIQFWIGAVIFLGMLEKAVFYAEFQNIRYKGESVQGALILAELLSAVKRSLMRTLVIIVSLGYG
IVKPRLGVTLHKVVVAGALYLLFSGMEGVLRVTGAQTDLASLAFIPLAFLDTALCWWIFISLTQTMKLLKLRRNIVKLSL
YRHFTNTLILAVAASIVFIIWTTMKFRIVTCQSDWRELWVDDAIWRLLFSMILFVIMVLWRPSANNQRFAFSPLSEEEEE
DEQKEPMLKESFEGMKMRSTKQEPNGNSKVNKAQEDDLKWVEENVPSSVTDVALPALLDSDEERMITHFERSKMELKENL
YFQGNPAFLYKVVDPVVSKGEELFTGVVPILVELDGDVNGHKFSVSGEGEGDATYGKLTLKFICTTGKLPVPWPTLVTTL
TYGVQCFSRYPDHMKQHDFFKSAMPEGYVQERTIFFKDDGNYKTRAEVKFEGDTLVNRIELKGIDFKEDGNILGHKLEYN
YNSHNVYIMADKQKNGIKVNFKIRHNIEDGSVQLADHYQQNTPIGDGPVLLPDNHYLSTQSALSKDPNEKRDHMVLLEFV
TAAGITLGMDELYKEFLVPRGSSRSAWSHPQFEKGGGSGGGSGGSAWSHPQFEK
;
_entity_poly.pdbx_strand_id   A
#
loop_
_chem_comp.id
_chem_comp.type
_chem_comp.name
_chem_comp.formula
65I non-polymer '(9R,12R)-15-amino-12-hydroxy-6,12-dioxo-7,11,13-trioxa-12lambda~5~-phosphapentadecan-9-yl undecanoate' 'C22 H44 N O8 P'
NAG D-saccharide, beta linking 2-acetamido-2-deoxy-beta-D-glucopyranose 'C8 H15 N O6'
#
# COMPACT_ATOMS: atom_id res chain seq x y z
N ASP A 38 8.45 -6.01 -2.25
CA ASP A 38 9.42 -4.92 -2.40
C ASP A 38 10.26 -5.08 -3.66
N ARG A 39 11.12 -6.10 -3.67
CA ARG A 39 12.01 -6.34 -4.79
C ARG A 39 12.01 -7.82 -5.14
N SER A 40 12.34 -8.11 -6.39
CA SER A 40 12.44 -9.48 -6.87
C SER A 40 13.79 -9.78 -7.50
N LYS A 41 14.75 -8.86 -7.40
CA LYS A 41 16.10 -9.08 -7.90
C LYS A 41 17.08 -8.40 -6.96
N TRP A 42 18.13 -9.13 -6.59
CA TRP A 42 19.10 -8.63 -5.63
C TRP A 42 20.52 -8.82 -6.16
N HIS A 43 21.38 -7.84 -5.90
CA HIS A 43 22.80 -7.91 -6.15
C HIS A 43 23.54 -7.83 -4.82
N ILE A 44 24.47 -8.75 -4.60
CA ILE A 44 25.14 -8.82 -3.31
C ILE A 44 26.63 -9.13 -3.50
N PRO A 45 27.51 -8.17 -3.25
CA PRO A 45 28.96 -8.47 -3.26
C PRO A 45 29.29 -9.41 -2.11
N ILE A 46 29.91 -10.54 -2.44
CA ILE A 46 30.07 -11.62 -1.46
C ILE A 46 30.85 -11.19 -0.23
N PRO A 47 32.06 -10.65 -0.35
CA PRO A 47 32.84 -10.35 0.85
C PRO A 47 32.28 -9.18 1.64
N SER A 48 31.15 -9.40 2.31
CA SER A 48 30.52 -8.34 3.10
C SER A 48 29.89 -8.95 4.33
N GLY A 49 30.20 -8.37 5.50
CA GLY A 49 29.60 -8.84 6.74
C GLY A 49 29.89 -10.30 7.00
N LYS A 50 28.85 -11.05 7.38
CA LYS A 50 28.97 -12.46 7.67
C LYS A 50 28.65 -13.35 6.47
N ASN A 51 28.38 -12.76 5.31
CA ASN A 51 28.08 -13.42 4.06
C ASN A 51 26.66 -13.97 4.01
N TYR A 52 25.90 -13.90 5.10
CA TYR A 52 24.52 -14.37 5.07
C TYR A 52 23.67 -13.48 4.17
N PHE A 53 22.74 -14.09 3.44
CA PHE A 53 21.72 -13.36 2.71
C PHE A 53 20.39 -14.03 2.95
N SER A 54 19.44 -13.27 3.49
CA SER A 54 18.15 -13.81 3.85
C SER A 54 17.04 -12.91 3.35
N PHE A 55 15.91 -13.53 3.00
CA PHE A 55 14.72 -12.77 2.63
C PHE A 55 13.49 -13.60 2.95
N GLY A 56 12.46 -12.95 3.49
CA GLY A 56 11.21 -13.62 3.79
C GLY A 56 10.04 -12.93 3.15
N LYS A 57 9.22 -13.68 2.41
CA LYS A 57 8.08 -13.07 1.73
C LYS A 57 7.11 -14.15 1.31
N ILE A 58 5.90 -13.72 0.97
CA ILE A 58 4.84 -14.62 0.54
C ILE A 58 5.02 -14.89 -0.96
N LEU A 59 5.00 -16.17 -1.33
CA LEU A 59 5.32 -16.57 -2.69
C LEU A 59 4.24 -17.49 -3.25
N PHE A 60 4.14 -17.47 -4.58
CA PHE A 60 3.23 -18.32 -5.33
C PHE A 60 3.67 -19.78 -5.23
N ARG A 61 2.94 -20.65 -5.91
CA ARG A 61 3.32 -22.04 -6.04
C ARG A 61 4.01 -22.26 -7.37
N ASN A 62 5.02 -23.12 -7.37
CA ASN A 62 5.81 -23.39 -8.57
C ASN A 62 6.63 -22.17 -8.98
N THR A 63 7.24 -21.51 -7.99
CA THR A 63 8.10 -20.36 -8.21
C THR A 63 9.56 -20.80 -8.08
N THR A 64 10.39 -20.41 -9.03
CA THR A 64 11.78 -20.82 -9.06
C THR A 64 12.67 -19.68 -8.55
N ILE A 65 13.81 -20.07 -8.00
CA ILE A 65 14.81 -19.13 -7.48
C ILE A 65 16.12 -19.38 -8.21
N PHE A 66 16.69 -18.32 -8.79
CA PHE A 66 17.90 -18.40 -9.59
C PHE A 66 19.04 -17.68 -8.88
N LEU A 67 20.20 -18.33 -8.83
CA LEU A 67 21.42 -17.74 -8.29
C LEU A 67 22.48 -17.74 -9.38
N LYS A 68 23.15 -16.61 -9.57
CA LYS A 68 24.22 -16.49 -10.55
C LYS A 68 25.44 -15.84 -9.90
N PHE A 69 26.62 -16.32 -10.27
CA PHE A 69 27.86 -15.81 -9.71
C PHE A 69 28.78 -15.37 -10.83
N ASP A 70 29.18 -14.09 -10.81
CA ASP A 70 30.08 -13.53 -11.80
C ASP A 70 31.13 -12.69 -11.10
N GLY A 71 32.35 -12.72 -11.62
CA GLY A 71 33.41 -11.93 -11.04
C GLY A 71 34.77 -12.34 -11.57
N GLU A 72 35.81 -11.95 -10.82
CA GLU A 72 37.20 -12.20 -11.18
C GLU A 72 37.58 -13.66 -10.93
N PRO A 73 38.68 -14.14 -11.49
CA PRO A 73 39.09 -15.52 -11.27
C PRO A 73 39.28 -15.86 -9.80
N CYS A 74 38.88 -17.08 -9.46
CA CYS A 74 38.92 -17.59 -8.11
C CYS A 74 40.36 -17.87 -7.67
N ASP A 75 40.56 -17.90 -6.35
CA ASP A 75 41.83 -18.26 -5.76
C ASP A 75 41.59 -19.34 -4.70
N LEU A 76 40.45 -19.26 -4.01
CA LEU A 76 40.17 -20.11 -2.85
C LEU A 76 38.92 -20.94 -3.10
N SER A 77 38.74 -21.95 -2.26
CA SER A 77 37.58 -22.83 -2.34
C SER A 77 36.37 -22.21 -1.64
N LEU A 78 35.19 -22.64 -2.06
CA LEU A 78 33.94 -22.10 -1.54
C LEU A 78 33.00 -23.22 -1.10
N ASN A 79 32.16 -22.89 -0.14
CA ASN A 79 31.17 -23.81 0.41
C ASN A 79 29.86 -23.07 0.52
N ILE A 80 28.87 -23.44 -0.27
CA ILE A 80 27.61 -22.71 -0.36
C ILE A 80 26.51 -23.56 0.26
N THR A 81 25.80 -23.01 1.24
CA THR A 81 24.73 -23.73 1.92
C THR A 81 23.46 -22.90 1.90
N TRP A 82 22.35 -23.50 1.49
CA TRP A 82 21.10 -22.78 1.38
C TRP A 82 19.97 -23.53 2.07
N TYR A 83 19.11 -22.76 2.74
CA TYR A 83 17.89 -23.24 3.39
C TYR A 83 16.70 -22.50 2.80
N LEU A 84 15.61 -23.23 2.54
CA LEU A 84 14.36 -22.65 2.08
C LEU A 84 13.25 -23.26 2.92
N LYS A 85 12.60 -22.44 3.76
CA LYS A 85 11.63 -22.92 4.72
C LYS A 85 10.26 -22.32 4.46
N SER A 86 9.24 -23.18 4.46
CA SER A 86 7.86 -22.70 4.42
C SER A 86 7.41 -22.32 5.83
N ALA A 87 6.49 -21.36 5.89
CA ALA A 87 6.01 -20.85 7.17
C ALA A 87 4.51 -21.11 7.28
N ASP A 88 4.09 -21.72 8.38
CA ASP A 88 2.67 -22.03 8.56
C ASP A 88 1.86 -20.78 8.81
N CYS A 89 2.33 -19.90 9.70
CA CYS A 89 1.63 -18.66 9.99
C CYS A 89 2.58 -17.49 9.91
N TYR A 90 2.01 -16.32 9.62
CA TYR A 90 2.74 -15.15 9.17
C TYR A 90 3.57 -14.47 10.27
N ASN A 91 3.42 -14.88 11.53
CA ASN A 91 4.16 -14.18 12.58
C ASN A 91 5.66 -14.26 12.37
N GLU A 92 6.15 -15.43 11.93
CA GLU A 92 7.58 -15.64 11.83
C GLU A 92 8.23 -14.65 10.88
N ILE A 93 7.59 -14.41 9.74
CA ILE A 93 8.14 -13.43 8.78
C ILE A 93 8.17 -12.05 9.39
N TYR A 94 7.11 -11.67 10.10
CA TYR A 94 7.03 -10.32 10.65
C TYR A 94 8.16 -10.04 11.63
N ASN A 95 8.44 -10.99 12.53
CA ASN A 95 9.44 -10.81 13.58
C ASN A 95 10.77 -11.47 13.23
N PHE A 96 11.15 -11.47 11.96
CA PHE A 96 12.41 -12.07 11.51
C PHE A 96 13.48 -10.98 11.49
N LYS A 97 14.50 -11.15 12.33
CA LYS A 97 15.58 -10.18 12.46
C LYS A 97 16.83 -10.73 11.78
N ALA A 98 17.34 -9.98 10.82
CA ALA A 98 18.50 -10.45 10.06
C ALA A 98 19.72 -10.62 10.95
N GLU A 99 19.96 -9.67 11.86
CA GLU A 99 21.16 -9.70 12.67
C GLU A 99 21.28 -10.98 13.49
N GLU A 100 20.17 -11.64 13.82
CA GLU A 100 20.18 -12.85 14.62
C GLU A 100 20.04 -14.10 13.78
N VAL A 101 20.14 -13.99 12.45
CA VAL A 101 19.92 -15.16 11.59
C VAL A 101 20.85 -16.29 11.97
N GLU A 102 22.13 -15.97 12.26
CA GLU A 102 23.07 -17.00 12.64
C GLU A 102 22.55 -17.84 13.80
N LEU A 103 21.89 -17.20 14.77
CA LEU A 103 21.29 -17.94 15.86
C LEU A 103 20.02 -18.65 15.40
N TYR A 104 19.20 -17.96 14.60
CA TYR A 104 17.93 -18.53 14.18
C TYR A 104 18.12 -19.94 13.62
N LEU A 105 19.11 -20.10 12.73
CA LEU A 105 19.34 -21.38 12.11
C LEU A 105 19.45 -22.50 13.14
N GLU A 106 20.25 -22.26 14.20
CA GLU A 106 20.44 -23.34 15.17
C GLU A 106 19.12 -23.73 15.81
N LYS A 107 18.29 -22.74 16.14
CA LYS A 107 16.98 -23.06 16.69
C LYS A 107 16.18 -23.93 15.72
N LEU A 108 16.30 -23.65 14.43
CA LEU A 108 15.65 -24.47 13.43
C LEU A 108 16.22 -25.89 13.43
N LYS A 109 17.53 -26.01 13.61
CA LYS A 109 18.16 -27.33 13.48
C LYS A 109 17.86 -28.20 14.69
N GLU A 110 17.89 -27.63 15.89
CA GLU A 110 17.65 -28.44 17.09
C GLU A 110 16.20 -28.83 17.25
N LYS A 111 15.36 -28.55 16.26
CA LYS A 111 13.95 -28.94 16.28
C LYS A 111 13.21 -28.26 17.43
N ARG A 112 13.25 -26.93 17.44
CA ARG A 112 12.48 -26.16 18.39
C ARG A 112 11.79 -24.95 17.77
N GLY A 113 11.98 -24.70 16.47
CA GLY A 113 11.39 -23.56 15.82
C GLY A 113 9.91 -23.75 15.53
N LEU A 114 9.34 -22.75 14.87
CA LEU A 114 7.93 -22.80 14.52
C LEU A 114 7.69 -23.87 13.46
N SER A 115 6.44 -24.32 13.38
CA SER A 115 6.08 -25.41 12.48
C SER A 115 6.26 -25.00 11.02
N GLY A 116 6.70 -25.95 10.20
CA GLY A 116 6.89 -25.71 8.79
C GLY A 116 7.99 -26.56 8.19
N LYS A 117 7.74 -27.13 7.00
CA LYS A 117 8.74 -27.93 6.31
C LYS A 117 9.79 -27.04 5.65
N TYR A 118 10.93 -27.63 5.34
CA TYR A 118 12.00 -26.87 4.72
C TYR A 118 12.94 -27.81 3.97
N GLN A 119 13.67 -27.24 3.02
CA GLN A 119 14.72 -27.92 2.27
C GLN A 119 16.07 -27.31 2.61
N THR A 120 17.09 -28.15 2.68
CA THR A 120 18.45 -27.70 2.93
C THR A 120 19.39 -28.37 1.95
N SER A 121 20.44 -27.65 1.57
CA SER A 121 21.45 -28.25 0.70
C SER A 121 22.77 -27.50 0.87
N SER A 122 23.85 -28.16 0.46
CA SER A 122 25.18 -27.57 0.55
C SER A 122 26.08 -28.20 -0.50
N LYS A 123 26.91 -27.38 -1.14
CA LYS A 123 27.83 -27.83 -2.18
C LYS A 123 29.19 -27.18 -1.95
N LEU A 124 30.22 -27.84 -2.48
CA LEU A 124 31.60 -27.41 -2.30
C LEU A 124 32.28 -27.29 -3.66
N PHE A 125 32.97 -26.17 -3.87
CA PHE A 125 33.70 -25.92 -5.11
C PHE A 125 35.17 -25.71 -4.75
N GLN A 126 36.06 -26.41 -5.45
CA GLN A 126 37.47 -26.39 -5.07
C GLN A 126 38.10 -25.03 -5.36
N ASN A 127 37.91 -24.48 -6.56
CA ASN A 127 38.38 -23.15 -6.89
C ASN A 127 37.22 -22.22 -7.17
N CYS A 128 36.36 -22.55 -8.14
CA CYS A 128 35.18 -21.73 -8.41
C CYS A 128 34.30 -22.47 -9.40
N SER A 129 33.01 -22.59 -9.07
CA SER A 129 31.99 -23.10 -9.98
C SER A 129 31.23 -21.94 -10.64
N GLU A 130 31.95 -20.87 -10.92
CA GLU A 130 31.33 -19.65 -11.43
C GLU A 130 30.74 -19.83 -12.82
N LEU A 131 31.05 -20.94 -13.49
CA LEU A 131 30.46 -21.24 -14.79
C LEU A 131 29.48 -22.41 -14.77
N PHE A 132 29.53 -23.25 -13.74
CA PHE A 132 28.65 -24.42 -13.70
C PHE A 132 27.21 -24.00 -13.42
N LYS A 133 26.28 -24.89 -13.77
CA LYS A 133 24.85 -24.67 -13.65
C LYS A 133 24.23 -25.64 -12.65
N THR A 134 24.88 -25.81 -11.51
CA THR A 134 24.38 -26.76 -10.52
C THR A 134 22.98 -26.40 -10.05
N GLN A 135 22.73 -25.11 -9.79
CA GLN A 135 21.42 -24.66 -9.33
C GLN A 135 20.45 -24.42 -10.49
N THR A 136 20.88 -24.57 -11.73
CA THR A 136 20.02 -24.28 -12.88
C THR A 136 19.18 -25.50 -13.29
N PHE A 137 19.84 -26.60 -13.64
CA PHE A 137 19.15 -27.79 -14.12
C PHE A 137 20.03 -29.01 -13.82
N SER A 138 19.59 -30.18 -14.27
CA SER A 138 20.31 -31.43 -14.03
C SER A 138 20.46 -31.72 -12.54
N GLY A 139 19.53 -31.23 -11.74
CA GLY A 139 19.55 -31.46 -10.31
C GLY A 139 18.92 -32.78 -9.93
N ASP A 140 18.90 -33.03 -8.62
CA ASP A 140 18.32 -34.24 -8.05
C ASP A 140 17.12 -33.88 -7.19
N PHE A 141 16.43 -34.91 -6.72
CA PHE A 141 15.29 -34.74 -5.82
C PHE A 141 15.78 -34.97 -4.40
N MET A 142 15.77 -33.93 -3.58
CA MET A 142 16.14 -34.04 -2.18
C MET A 142 14.90 -33.92 -1.30
N HIS A 143 14.82 -34.80 -0.30
CA HIS A 143 13.67 -34.85 0.59
C HIS A 143 13.59 -33.61 1.45
N ARG A 144 12.37 -33.28 1.86
CA ARG A 144 12.11 -32.15 2.75
C ARG A 144 12.00 -32.62 4.19
N LEU A 145 12.13 -31.67 5.11
CA LEU A 145 12.13 -31.98 6.53
C LEU A 145 11.17 -31.04 7.25
N PRO A 146 10.62 -31.49 8.40
CA PRO A 146 9.65 -30.71 9.17
C PRO A 146 10.27 -29.48 9.82
N THR A 168 8.88 -40.36 1.06
CA THR A 168 9.00 -39.01 1.61
C THR A 168 8.27 -38.00 0.75
N ALA A 169 8.99 -36.96 0.32
CA ALA A 169 8.41 -35.92 -0.52
C ALA A 169 9.01 -35.90 -1.92
N MET A 170 10.34 -35.81 -2.03
CA MET A 170 11.03 -35.86 -3.32
C MET A 170 10.53 -34.76 -4.25
N HIS A 171 10.78 -33.53 -3.82
CA HIS A 171 10.41 -32.33 -4.58
C HIS A 171 11.61 -31.84 -5.38
N GLU A 172 11.35 -30.82 -6.22
CA GLU A 172 12.38 -30.27 -7.07
C GLU A 172 13.46 -29.60 -6.22
N PRO A 173 14.67 -29.45 -6.77
CA PRO A 173 15.79 -28.93 -5.97
C PRO A 173 15.49 -27.61 -5.29
N LEU A 174 15.13 -26.60 -6.06
CA LEU A 174 14.93 -25.24 -5.52
C LEU A 174 13.65 -24.68 -6.10
N GLN A 175 12.53 -24.94 -5.44
CA GLN A 175 11.22 -24.52 -5.92
C GLN A 175 10.29 -24.40 -4.73
N THR A 176 9.16 -23.73 -4.95
CA THR A 176 8.13 -23.60 -3.93
C THR A 176 7.04 -24.62 -4.24
N TRP A 177 6.73 -25.46 -3.25
CA TRP A 177 5.75 -26.52 -3.43
C TRP A 177 4.34 -26.12 -3.05
N GLN A 178 4.14 -24.92 -2.51
CA GLN A 178 2.81 -24.46 -2.14
C GLN A 178 2.88 -22.98 -1.82
N ASP A 179 1.89 -22.23 -2.32
CA ASP A 179 1.87 -20.78 -2.12
C ASP A 179 1.77 -20.42 -0.64
N ALA A 180 2.80 -19.79 -0.11
CA ALA A 180 2.83 -19.51 1.32
C ALA A 180 3.96 -18.56 1.65
N PRO A 181 4.12 -18.17 2.92
CA PRO A 181 5.25 -17.32 3.31
C PRO A 181 6.52 -18.17 3.43
N TYR A 182 7.49 -17.88 2.58
CA TYR A 182 8.75 -18.60 2.55
C TYR A 182 9.88 -17.72 3.10
N ILE A 183 10.87 -18.38 3.68
CA ILE A 183 12.10 -17.75 4.15
C ILE A 183 13.27 -18.43 3.45
N PHE A 184 14.10 -17.63 2.80
CA PHE A 184 15.26 -18.13 2.06
C PHE A 184 16.52 -17.58 2.69
N ILE A 185 17.47 -18.46 2.99
CA ILE A 185 18.74 -18.09 3.58
C ILE A 185 19.86 -18.77 2.80
N VAL A 186 20.90 -18.02 2.47
CA VAL A 186 22.05 -18.53 1.76
C VAL A 186 23.32 -18.06 2.45
N HIS A 187 24.28 -18.96 2.61
CA HIS A 187 25.51 -18.68 3.33
C HIS A 187 26.68 -19.17 2.51
N ILE A 188 27.68 -18.29 2.33
CA ILE A 188 28.86 -18.57 1.53
C ILE A 188 30.06 -18.60 2.46
N GLY A 189 30.79 -19.71 2.46
CA GLY A 189 31.98 -19.81 3.27
C GLY A 189 33.23 -19.94 2.41
N ILE A 190 34.18 -19.03 2.60
CA ILE A 190 35.40 -18.98 1.81
C ILE A 190 36.52 -19.64 2.62
N SER A 191 37.19 -20.62 2.02
CA SER A 191 38.25 -21.35 2.69
C SER A 191 39.59 -20.68 2.40
N SER A 192 40.28 -20.30 3.46
CA SER A 192 41.58 -19.64 3.33
C SER A 192 42.69 -20.67 3.06
N SER A 203 38.38 -5.28 -2.05
CA SER A 203 38.48 -6.63 -1.49
C SER A 203 37.41 -7.54 -2.07
N ASN A 204 36.61 -7.00 -2.98
CA ASN A 204 35.53 -7.78 -3.59
C ASN A 204 36.11 -8.90 -4.43
N LEU A 205 35.42 -10.04 -4.42
CA LEU A 205 35.80 -11.18 -5.24
C LEU A 205 34.69 -11.63 -6.18
N PHE A 206 33.45 -11.69 -5.72
CA PHE A 206 32.31 -12.12 -6.51
C PHE A 206 31.21 -11.08 -6.45
N THR A 207 30.09 -11.39 -7.10
CA THR A 207 28.89 -10.57 -7.02
C THR A 207 27.71 -11.48 -7.32
N MET A 208 27.03 -11.92 -6.27
CA MET A 208 25.94 -12.88 -6.43
C MET A 208 24.66 -12.16 -6.82
N THR A 209 23.98 -12.68 -7.84
CA THR A 209 22.71 -12.14 -8.29
C THR A 209 21.61 -13.17 -7.99
N VAL A 210 20.56 -12.72 -7.31
CA VAL A 210 19.49 -13.60 -6.86
C VAL A 210 18.18 -13.10 -7.46
N GLU A 211 17.42 -14.01 -8.06
CA GLU A 211 16.14 -13.67 -8.68
C GLU A 211 15.09 -14.69 -8.30
N VAL A 212 13.84 -14.26 -8.28
CA VAL A 212 12.70 -15.14 -8.03
C VAL A 212 11.69 -14.94 -9.16
N LYS A 213 11.32 -16.01 -9.84
CA LYS A 213 10.41 -15.91 -10.97
C LYS A 213 9.39 -17.03 -10.90
N GLY A 214 8.11 -16.67 -10.96
CA GLY A 214 7.04 -17.63 -10.86
C GLY A 214 6.14 -17.63 -12.08
N PRO A 215 4.85 -17.93 -11.87
CA PRO A 215 3.92 -17.90 -13.00
C PRO A 215 3.84 -16.53 -13.66
N TYR A 216 4.08 -15.47 -12.90
CA TYR A 216 4.19 -14.13 -13.45
C TYR A 216 5.63 -13.65 -13.30
N GLU A 217 6.11 -12.94 -14.32
CA GLU A 217 7.54 -12.69 -14.50
C GLU A 217 8.25 -12.40 -13.18
N TYR A 218 7.82 -11.37 -12.46
CA TYR A 218 8.44 -11.03 -11.19
C TYR A 218 7.44 -10.66 -10.11
N LEU A 219 6.15 -10.65 -10.41
CA LEU A 219 5.14 -10.23 -9.45
C LEU A 219 4.87 -11.39 -8.49
N THR A 220 5.39 -11.28 -7.28
CA THR A 220 5.13 -12.29 -6.26
C THR A 220 3.68 -12.17 -5.81
N LEU A 221 3.27 -12.98 -4.85
CA LEU A 221 1.96 -12.82 -4.27
C LEU A 221 1.95 -11.57 -3.41
N GLU A 222 0.85 -11.34 -2.70
CA GLU A 222 0.63 -10.15 -1.86
C GLU A 222 0.71 -8.88 -2.70
N ASP A 223 0.86 -9.02 -4.01
CA ASP A 223 0.97 -7.85 -4.88
C ASP A 223 0.03 -7.98 -6.06
N TYR A 224 -0.24 -9.22 -6.48
CA TYR A 224 -1.17 -9.45 -7.57
C TYR A 224 -2.55 -8.86 -7.28
N PRO A 225 -3.19 -9.17 -6.15
CA PRO A 225 -4.50 -8.57 -5.87
C PRO A 225 -4.45 -7.05 -5.82
N LEU A 226 -3.37 -6.49 -5.27
CA LEU A 226 -3.25 -5.04 -5.19
C LEU A 226 -3.17 -4.42 -6.57
N MET A 227 -2.42 -5.04 -7.48
CA MET A 227 -2.35 -4.53 -8.84
C MET A 227 -3.71 -4.59 -9.52
N ILE A 228 -4.44 -5.69 -9.34
CA ILE A 228 -5.77 -5.77 -9.96
C ILE A 228 -6.70 -4.71 -9.39
N PHE A 229 -6.62 -4.49 -8.07
CA PHE A 229 -7.44 -3.46 -7.46
C PHE A 229 -7.13 -2.09 -8.02
N PHE A 230 -5.84 -1.78 -8.20
CA PHE A 230 -5.48 -0.47 -8.73
C PHE A 230 -5.94 -0.31 -10.18
N MET A 231 -5.87 -1.38 -10.97
CA MET A 231 -6.40 -1.31 -12.33
C MET A 231 -7.89 -0.99 -12.32
N VAL A 232 -8.64 -1.70 -11.47
CA VAL A 232 -10.09 -1.45 -11.42
C VAL A 232 -10.38 -0.03 -10.96
N MET A 233 -9.62 0.46 -9.97
CA MET A 233 -9.83 1.83 -9.51
C MET A 233 -9.53 2.84 -10.61
N CYS A 234 -8.48 2.60 -11.40
CA CYS A 234 -8.19 3.49 -12.51
C CYS A 234 -9.36 3.55 -13.49
N ILE A 235 -9.92 2.38 -13.82
CA ILE A 235 -11.06 2.37 -14.75
C ILE A 235 -12.24 3.12 -14.15
N VAL A 236 -12.51 2.90 -12.86
CA VAL A 236 -13.65 3.56 -12.22
C VAL A 236 -13.48 5.07 -12.26
N TYR A 237 -12.27 5.56 -11.94
CA TYR A 237 -12.05 7.01 -11.92
C TYR A 237 -12.13 7.59 -13.32
N VAL A 238 -11.68 6.85 -14.33
CA VAL A 238 -11.84 7.33 -15.70
C VAL A 238 -13.31 7.49 -16.03
N LEU A 239 -14.13 6.51 -15.63
CA LEU A 239 -15.57 6.63 -15.88
C LEU A 239 -16.16 7.84 -15.14
N PHE A 240 -15.75 8.04 -13.89
CA PHE A 240 -16.20 9.23 -13.15
C PHE A 240 -15.88 10.50 -13.93
N GLY A 241 -14.64 10.62 -14.39
CA GLY A 241 -14.25 11.81 -15.11
C GLY A 241 -15.05 12.01 -16.38
N VAL A 242 -15.26 10.93 -17.14
CA VAL A 242 -16.02 11.06 -18.39
C VAL A 242 -17.45 11.51 -18.11
N LEU A 243 -18.08 10.91 -17.10
CA LEU A 243 -19.46 11.28 -16.79
C LEU A 243 -19.54 12.74 -16.35
N TRP A 244 -18.63 13.17 -15.46
CA TRP A 244 -18.65 14.55 -15.00
C TRP A 244 -18.42 15.52 -16.14
N LEU A 245 -17.49 15.20 -17.04
CA LEU A 245 -17.23 16.06 -18.18
C LEU A 245 -18.45 16.18 -19.07
N ALA A 246 -19.14 15.05 -19.32
CA ALA A 246 -20.35 15.11 -20.14
C ALA A 246 -21.40 16.00 -19.51
N TRP A 247 -21.69 15.79 -18.21
CA TRP A 247 -22.66 16.63 -17.53
C TRP A 247 -22.28 18.10 -17.61
N SER A 248 -21.02 18.43 -17.32
CA SER A 248 -20.60 19.82 -17.36
C SER A 248 -20.79 20.40 -18.75
N ALA A 249 -20.43 19.64 -19.79
CA ALA A 249 -20.57 20.15 -21.14
C ALA A 249 -22.03 20.41 -21.48
N CYS A 250 -22.93 19.55 -21.03
CA CYS A 250 -24.33 19.73 -21.40
C CYS A 250 -24.87 21.06 -20.90
N TYR A 251 -24.54 21.45 -19.68
CA TYR A 251 -24.99 22.70 -19.07
C TYR A 251 -23.77 23.55 -18.72
N TRP A 252 -23.34 24.38 -19.67
CA TRP A 252 -22.21 25.27 -19.46
C TRP A 252 -22.61 26.72 -19.27
N ARG A 253 -23.87 27.06 -19.47
CA ARG A 253 -24.29 28.46 -19.34
C ARG A 253 -24.03 28.99 -17.95
N ASP A 254 -24.35 28.20 -16.92
CA ASP A 254 -24.13 28.58 -15.54
C ASP A 254 -23.51 27.42 -14.78
N LEU A 255 -22.67 27.76 -13.79
CA LEU A 255 -21.98 26.76 -13.00
C LEU A 255 -21.56 27.40 -11.69
N LEU A 256 -21.01 26.58 -10.80
CA LEU A 256 -20.57 27.04 -9.49
C LEU A 256 -19.16 26.53 -9.24
N ARG A 257 -18.41 27.30 -8.44
CA ARG A 257 -17.02 26.92 -8.18
C ARG A 257 -16.91 25.56 -7.53
N ILE A 258 -17.95 25.14 -6.79
CA ILE A 258 -17.93 23.82 -6.17
C ILE A 258 -17.86 22.74 -7.24
N GLN A 259 -18.54 22.94 -8.36
CA GLN A 259 -18.51 21.99 -9.45
C GLN A 259 -17.19 21.99 -10.21
N PHE A 260 -16.32 22.97 -9.97
CA PHE A 260 -14.96 22.93 -10.48
C PHE A 260 -14.02 22.24 -9.50
N TRP A 261 -14.22 22.47 -8.20
CA TRP A 261 -13.40 21.80 -7.21
C TRP A 261 -13.63 20.29 -7.25
N ILE A 262 -14.88 19.87 -7.48
CA ILE A 262 -15.15 18.44 -7.59
C ILE A 262 -14.37 17.83 -8.75
N GLY A 263 -14.38 18.50 -9.90
CA GLY A 263 -13.61 18.02 -11.03
C GLY A 263 -12.12 17.93 -10.73
N ALA A 264 -11.60 18.93 -10.01
CA ALA A 264 -10.19 18.88 -9.62
C ALA A 264 -9.91 17.66 -8.76
N VAL A 265 -10.81 17.35 -7.82
CA VAL A 265 -10.61 16.18 -6.97
C VAL A 265 -10.59 14.92 -7.81
N ILE A 266 -11.52 14.80 -8.75
CA ILE A 266 -11.56 13.63 -9.62
C ILE A 266 -10.26 13.49 -10.39
N PHE A 267 -9.75 14.61 -10.92
CA PHE A 267 -8.51 14.59 -11.68
C PHE A 267 -7.35 14.10 -10.82
N LEU A 268 -7.24 14.60 -9.60
CA LEU A 268 -6.15 14.17 -8.72
C LEU A 268 -6.24 12.69 -8.41
N GLY A 269 -7.45 12.19 -8.15
CA GLY A 269 -7.59 10.76 -7.91
C GLY A 269 -7.17 9.93 -9.11
N MET A 270 -7.56 10.37 -10.31
CA MET A 270 -7.13 9.69 -11.53
C MET A 270 -5.62 9.63 -11.62
N LEU A 271 -4.96 10.76 -11.36
CA LEU A 271 -3.49 10.78 -11.46
C LEU A 271 -2.86 9.83 -10.45
N GLU A 272 -3.36 9.82 -9.22
CA GLU A 272 -2.82 8.90 -8.21
C GLU A 272 -2.94 7.46 -8.67
N LYS A 273 -4.12 7.06 -9.12
CA LYS A 273 -4.31 5.68 -9.52
C LYS A 273 -3.41 5.31 -10.68
N ALA A 274 -3.28 6.21 -11.67
CA ALA A 274 -2.42 5.92 -12.82
C ALA A 274 -0.98 5.73 -12.38
N VAL A 275 -0.50 6.59 -11.48
CA VAL A 275 0.89 6.48 -11.02
C VAL A 275 1.12 5.14 -10.33
N PHE A 276 0.19 4.76 -9.45
CA PHE A 276 0.35 3.49 -8.75
C PHE A 276 0.37 2.32 -9.73
N TYR A 277 -0.55 2.32 -10.69
CA TYR A 277 -0.60 1.20 -11.64
C TYR A 277 0.68 1.12 -12.46
N ALA A 278 1.18 2.26 -12.93
CA ALA A 278 2.42 2.24 -13.71
C ALA A 278 3.58 1.71 -12.89
N GLU A 279 3.67 2.14 -11.62
CA GLU A 279 4.75 1.65 -10.77
C GLU A 279 4.67 0.14 -10.60
N PHE A 280 3.45 -0.38 -10.38
CA PHE A 280 3.32 -1.83 -10.20
C PHE A 280 3.65 -2.58 -11.49
N GLN A 281 3.27 -2.03 -12.64
CA GLN A 281 3.64 -2.67 -13.90
C GLN A 281 5.15 -2.75 -14.05
N ASN A 282 5.85 -1.66 -13.73
CA ASN A 282 7.30 -1.68 -13.81
C ASN A 282 7.89 -2.70 -12.86
N ILE A 283 7.38 -2.75 -11.63
CA ILE A 283 7.92 -3.71 -10.66
C ILE A 283 7.71 -5.13 -11.14
N ARG A 284 6.57 -5.40 -11.79
CA ARG A 284 6.31 -6.75 -12.27
C ARG A 284 7.24 -7.12 -13.42
N TYR A 285 7.41 -6.23 -14.39
CA TYR A 285 8.13 -6.60 -15.60
C TYR A 285 9.64 -6.41 -15.51
N LYS A 286 10.14 -5.69 -14.51
CA LYS A 286 11.56 -5.46 -14.37
C LYS A 286 12.15 -5.97 -13.06
N GLY A 287 11.34 -6.19 -12.04
CA GLY A 287 11.82 -6.70 -10.78
C GLY A 287 12.27 -5.65 -9.79
N GLU A 288 12.32 -4.39 -10.19
CA GLU A 288 12.75 -3.31 -9.31
C GLU A 288 11.74 -2.18 -9.32
N SER A 289 11.46 -1.63 -8.15
CA SER A 289 10.53 -0.52 -8.04
C SER A 289 11.19 0.77 -8.50
N VAL A 290 10.37 1.69 -8.98
CA VAL A 290 10.86 3.00 -9.41
C VAL A 290 11.13 3.85 -8.18
N GLN A 291 12.28 4.52 -8.17
CA GLN A 291 12.71 5.22 -6.96
C GLN A 291 11.75 6.34 -6.58
N GLY A 292 11.30 7.13 -7.55
CA GLY A 292 10.52 8.31 -7.25
C GLY A 292 9.06 8.24 -7.63
N ALA A 293 8.42 7.10 -7.39
CA ALA A 293 7.00 6.93 -7.68
C ALA A 293 6.13 6.86 -6.43
N LEU A 294 6.59 6.16 -5.39
CA LEU A 294 5.81 6.09 -4.16
C LEU A 294 5.66 7.47 -3.53
N ILE A 295 6.72 8.27 -3.55
CA ILE A 295 6.66 9.60 -2.98
C ILE A 295 5.63 10.45 -3.73
N LEU A 296 5.66 10.39 -5.06
CA LEU A 296 4.70 11.16 -5.85
C LEU A 296 3.27 10.70 -5.58
N ALA A 297 3.06 9.38 -5.49
CA ALA A 297 1.72 8.89 -5.23
C ALA A 297 1.23 9.35 -3.85
N GLU A 298 2.09 9.30 -2.84
CA GLU A 298 1.69 9.74 -1.51
C GLU A 298 1.36 11.23 -1.50
N LEU A 299 2.17 12.04 -2.18
CA LEU A 299 1.91 13.47 -2.22
C LEU A 299 0.58 13.75 -2.91
N LEU A 300 0.31 13.08 -4.03
CA LEU A 300 -0.96 13.29 -4.72
C LEU A 300 -2.14 12.86 -3.85
N SER A 301 -2.00 11.74 -3.15
CA SER A 301 -3.07 11.29 -2.27
C SER A 301 -3.33 12.31 -1.17
N ALA A 302 -2.26 12.83 -0.56
CA ALA A 302 -2.43 13.82 0.49
C ALA A 302 -3.12 15.07 -0.04
N VAL A 303 -2.71 15.54 -1.22
CA VAL A 303 -3.34 16.73 -1.79
C VAL A 303 -4.82 16.48 -2.04
N LYS A 304 -5.15 15.34 -2.61
CA LYS A 304 -6.55 15.03 -2.90
C LYS A 304 -7.38 14.98 -1.62
N ARG A 305 -6.87 14.31 -0.60
CA ARG A 305 -7.61 14.21 0.66
C ARG A 305 -7.80 15.58 1.29
N SER A 306 -6.76 16.40 1.30
CA SER A 306 -6.88 17.73 1.89
C SER A 306 -7.91 18.56 1.13
N LEU A 307 -7.88 18.50 -0.20
CA LEU A 307 -8.85 19.26 -0.99
C LEU A 307 -10.27 18.79 -0.70
N MET A 308 -10.48 17.49 -0.60
CA MET A 308 -11.81 16.97 -0.30
C MET A 308 -12.29 17.44 1.07
N ARG A 309 -11.40 17.38 2.07
CA ARG A 309 -11.79 17.82 3.41
C ARG A 309 -12.16 19.30 3.42
N THR A 310 -11.36 20.13 2.74
CA THR A 310 -11.67 21.56 2.70
C THR A 310 -12.99 21.82 1.98
N LEU A 311 -13.25 21.07 0.90
CA LEU A 311 -14.51 21.24 0.20
C LEU A 311 -15.69 20.88 1.10
N VAL A 312 -15.58 19.79 1.86
CA VAL A 312 -16.67 19.42 2.75
C VAL A 312 -16.87 20.49 3.81
N ILE A 313 -15.78 21.02 4.37
CA ILE A 313 -15.92 22.08 5.36
C ILE A 313 -16.63 23.28 4.77
N ILE A 314 -16.23 23.69 3.56
CA ILE A 314 -16.83 24.86 2.94
C ILE A 314 -18.33 24.63 2.71
N VAL A 315 -18.70 23.45 2.23
CA VAL A 315 -20.11 23.17 1.98
C VAL A 315 -20.89 23.20 3.29
N SER A 316 -20.33 22.61 4.35
CA SER A 316 -21.04 22.59 5.62
C SER A 316 -21.23 24.00 6.16
N LEU A 317 -20.20 24.84 6.07
CA LEU A 317 -20.30 26.21 6.57
C LEU A 317 -21.32 27.02 5.79
N GLY A 318 -21.70 26.58 4.60
CA GLY A 318 -22.63 27.35 3.79
C GLY A 318 -22.05 28.57 3.14
N TYR A 319 -20.74 28.63 2.98
CA TYR A 319 -20.08 29.80 2.40
C TYR A 319 -20.47 29.92 0.93
N GLY A 320 -21.27 30.93 0.62
CA GLY A 320 -21.69 31.16 -0.74
C GLY A 320 -22.95 30.42 -1.17
N ILE A 321 -23.49 29.56 -0.32
CA ILE A 321 -24.71 28.82 -0.63
C ILE A 321 -25.89 29.29 0.22
N VAL A 322 -25.63 29.65 1.47
CA VAL A 322 -26.68 30.16 2.34
C VAL A 322 -26.38 31.53 2.91
N LYS A 323 -25.13 31.99 2.85
CA LYS A 323 -24.72 33.27 3.40
C LYS A 323 -23.83 33.98 2.39
N PRO A 324 -23.70 35.31 2.50
CA PRO A 324 -22.81 36.03 1.59
C PRO A 324 -21.37 35.61 1.80
N ARG A 325 -20.57 35.77 0.75
CA ARG A 325 -19.17 35.33 0.78
C ARG A 325 -18.33 36.26 1.63
N LEU A 326 -18.47 36.17 2.95
CA LEU A 326 -17.68 36.99 3.85
C LEU A 326 -16.20 36.62 3.74
N GLY A 327 -15.35 37.65 3.77
CA GLY A 327 -13.93 37.40 3.64
C GLY A 327 -13.35 36.64 4.82
N VAL A 328 -13.76 36.99 6.04
CA VAL A 328 -13.17 36.38 7.22
C VAL A 328 -13.42 34.88 7.25
N THR A 329 -14.49 34.41 6.59
CA THR A 329 -14.81 32.99 6.65
C THR A 329 -13.67 32.14 6.13
N LEU A 330 -13.05 32.53 5.03
CA LEU A 330 -11.90 31.81 4.51
C LEU A 330 -10.64 32.18 5.28
N HIS A 331 -10.28 33.46 5.25
CA HIS A 331 -9.04 33.91 5.87
C HIS A 331 -9.03 33.55 7.35
N LYS A 332 -7.95 32.93 7.79
CA LYS A 332 -7.73 32.64 9.21
C LYS A 332 -8.60 31.49 9.72
N VAL A 333 -9.51 31.00 8.90
CA VAL A 333 -10.44 29.98 9.38
C VAL A 333 -10.36 28.72 8.52
N VAL A 334 -10.67 28.83 7.24
CA VAL A 334 -10.72 27.65 6.38
C VAL A 334 -9.36 27.36 5.76
N VAL A 335 -8.74 28.36 5.16
CA VAL A 335 -7.46 28.14 4.47
C VAL A 335 -6.41 27.64 5.45
N ALA A 336 -6.37 28.20 6.65
CA ALA A 336 -5.47 27.67 7.67
C ALA A 336 -5.75 26.21 7.94
N GLY A 337 -7.01 25.78 7.80
CA GLY A 337 -7.38 24.39 7.97
C GLY A 337 -6.74 23.49 6.94
N ALA A 338 -5.89 24.07 6.09
CA ALA A 338 -5.09 23.32 5.13
C ALA A 338 -3.78 22.83 5.73
N LEU A 339 -3.45 23.21 6.96
CA LEU A 339 -2.29 22.59 7.60
C LEU A 339 -2.48 21.10 7.77
N TYR A 340 -3.72 20.63 7.68
CA TYR A 340 -3.98 19.19 7.71
C TYR A 340 -3.23 18.50 6.58
N LEU A 341 -2.91 19.23 5.51
CA LEU A 341 -2.06 18.67 4.47
C LEU A 341 -0.69 18.30 5.03
N LEU A 342 -0.04 19.25 5.70
CA LEU A 342 1.31 19.02 6.21
C LEU A 342 1.40 17.70 6.94
N PHE A 343 0.66 17.57 8.04
CA PHE A 343 0.67 16.32 8.80
C PHE A 343 0.37 15.14 7.89
N SER A 344 -0.70 15.26 7.10
CA SER A 344 -1.06 14.17 6.21
C SER A 344 0.09 13.83 5.27
N GLY A 345 0.76 14.84 4.74
CA GLY A 345 1.95 14.59 3.95
C GLY A 345 3.11 14.08 4.79
N MET A 346 3.28 14.64 5.98
CA MET A 346 4.48 14.35 6.77
C MET A 346 4.63 12.86 7.03
N GLU A 347 3.55 12.21 7.47
CA GLU A 347 3.62 10.76 7.67
C GLU A 347 3.81 10.05 6.35
N GLY A 348 3.11 10.49 5.30
CA GLY A 348 3.12 9.81 4.02
C GLY A 348 4.51 9.42 3.55
N VAL A 349 5.34 10.42 3.28
CA VAL A 349 6.70 10.13 2.81
C VAL A 349 7.43 9.24 3.81
N LEU A 350 7.25 9.50 5.11
CA LEU A 350 7.90 8.67 6.11
C LEU A 350 7.49 7.22 5.96
N ARG A 351 6.21 6.96 5.73
CA ARG A 351 5.77 5.58 5.54
C ARG A 351 6.48 4.93 4.36
N VAL A 352 6.78 5.71 3.33
CA VAL A 352 7.53 5.17 2.20
C VAL A 352 8.96 4.85 2.60
N THR A 353 9.56 5.69 3.44
CA THR A 353 10.95 5.48 3.84
C THR A 353 11.12 4.33 4.83
N GLY A 354 10.04 3.79 5.37
CA GLY A 354 10.11 2.68 6.29
C GLY A 354 10.07 3.05 7.76
N ALA A 355 9.84 4.32 8.09
CA ALA A 355 9.81 4.76 9.49
C ALA A 355 11.14 4.49 10.17
N GLN A 356 12.24 4.81 9.48
CA GLN A 356 13.57 4.54 10.01
C GLN A 356 13.80 5.26 11.33
N THR A 357 13.44 6.54 11.40
CA THR A 357 13.60 7.30 12.63
C THR A 357 12.43 7.11 13.59
N ASP A 358 11.61 6.09 13.36
CA ASP A 358 10.53 5.55 14.19
C ASP A 358 9.56 6.63 14.66
N LEU A 359 9.61 7.83 14.08
CA LEU A 359 8.58 8.83 14.39
C LEU A 359 7.23 8.43 13.83
N ALA A 360 7.19 7.43 12.95
CA ALA A 360 5.91 6.97 12.42
C ALA A 360 4.97 6.55 13.54
N SER A 361 5.52 5.96 14.61
CA SER A 361 4.70 5.61 15.76
C SER A 361 4.06 6.85 16.35
N LEU A 362 4.85 7.89 16.56
CA LEU A 362 4.34 9.17 17.06
C LEU A 362 4.10 10.14 15.91
N ALA A 363 3.29 9.69 14.94
CA ALA A 363 3.03 10.50 13.76
C ALA A 363 1.53 10.64 13.51
N PHE A 364 0.74 9.64 13.90
CA PHE A 364 -0.69 9.66 13.67
C PHE A 364 -1.47 10.34 14.80
N ILE A 365 -0.82 10.66 15.91
CA ILE A 365 -1.52 11.35 17.00
C ILE A 365 -2.02 12.71 16.56
N PRO A 366 -1.20 13.60 16.00
CA PRO A 366 -1.73 14.89 15.52
C PRO A 366 -2.78 14.72 14.44
N LEU A 367 -2.62 13.72 13.57
CA LEU A 367 -3.61 13.49 12.53
C LEU A 367 -4.96 13.13 13.13
N ALA A 368 -4.97 12.24 14.12
CA ALA A 368 -6.23 11.89 14.78
C ALA A 368 -6.84 13.08 15.49
N PHE A 369 -6.01 13.87 16.17
CA PHE A 369 -6.53 15.05 16.86
C PHE A 369 -7.17 16.02 15.87
N LEU A 370 -6.49 16.27 14.75
CA LEU A 370 -7.03 17.17 13.74
C LEU A 370 -8.33 16.64 13.16
N ASP A 371 -8.39 15.33 12.90
CA ASP A 371 -9.61 14.75 12.36
C ASP A 371 -10.78 14.89 13.32
N THR A 372 -10.53 14.64 14.62
CA THR A 372 -11.59 14.80 15.60
C THR A 372 -12.08 16.24 15.65
N ALA A 373 -11.15 17.21 15.66
CA ALA A 373 -11.55 18.60 15.70
C ALA A 373 -12.37 18.96 14.46
N LEU A 374 -11.93 18.51 13.29
CA LEU A 374 -12.65 18.83 12.06
C LEU A 374 -14.05 18.24 12.06
N CYS A 375 -14.19 16.99 12.53
CA CYS A 375 -15.52 16.39 12.58
C CYS A 375 -16.44 17.15 13.53
N TRP A 376 -15.92 17.52 14.70
CA TRP A 376 -16.73 18.29 15.64
C TRP A 376 -17.20 19.60 15.00
N TRP A 377 -16.27 20.32 14.38
CA TRP A 377 -16.61 21.59 13.74
C TRP A 377 -17.64 21.39 12.64
N ILE A 378 -17.44 20.37 11.81
CA ILE A 378 -18.35 20.13 10.69
C ILE A 378 -19.76 19.89 11.18
N PHE A 379 -19.91 19.05 12.22
CA PHE A 379 -21.26 18.73 12.68
C PHE A 379 -21.92 19.92 13.34
N ILE A 380 -21.16 20.71 14.12
CA ILE A 380 -21.74 21.92 14.70
C ILE A 380 -22.25 22.83 13.60
N SER A 381 -21.41 23.06 12.57
CA SER A 381 -21.79 23.97 11.50
C SER A 381 -23.01 23.44 10.74
N LEU A 382 -23.07 22.13 10.49
CA LEU A 382 -24.21 21.57 9.77
C LEU A 382 -25.49 21.75 10.57
N THR A 383 -25.45 21.53 11.89
CA THR A 383 -26.65 21.73 12.68
C THR A 383 -27.10 23.18 12.61
N GLN A 384 -26.16 24.12 12.74
CA GLN A 384 -26.53 25.53 12.70
C GLN A 384 -27.14 25.90 11.35
N THR A 385 -26.51 25.46 10.27
CA THR A 385 -27.01 25.81 8.93
C THR A 385 -28.39 25.21 8.68
N MET A 386 -28.59 23.96 9.09
CA MET A 386 -29.90 23.34 8.88
C MET A 386 -30.97 24.05 9.69
N LYS A 387 -30.66 24.44 10.93
CA LYS A 387 -31.63 25.19 11.71
C LYS A 387 -31.99 26.50 11.02
N LEU A 388 -30.99 27.21 10.53
CA LEU A 388 -31.25 28.48 9.84
C LEU A 388 -32.11 28.26 8.60
N LEU A 389 -31.79 27.23 7.81
CA LEU A 389 -32.55 26.97 6.60
C LEU A 389 -34.00 26.61 6.92
N LYS A 390 -34.21 25.79 7.95
CA LYS A 390 -35.58 25.47 8.35
C LYS A 390 -36.33 26.71 8.79
N LEU A 391 -35.66 27.61 9.53
CA LEU A 391 -36.32 28.83 9.94
C LEU A 391 -36.70 29.69 8.73
N ARG A 392 -35.80 29.78 7.75
CA ARG A 392 -36.05 30.63 6.59
C ARG A 392 -37.20 30.14 5.72
N ARG A 393 -37.68 28.91 5.92
CA ARG A 393 -38.78 28.30 5.20
C ARG A 393 -38.36 27.75 3.84
N ASN A 394 -37.09 27.91 3.44
CA ASN A 394 -36.64 27.33 2.19
C ASN A 394 -36.76 25.81 2.24
N ILE A 395 -37.19 25.22 1.13
CA ILE A 395 -37.47 23.79 1.07
C ILE A 395 -36.52 23.05 0.15
N VAL A 396 -36.13 23.68 -0.96
CA VAL A 396 -35.31 22.97 -1.95
C VAL A 396 -33.97 22.56 -1.37
N LYS A 397 -33.31 23.49 -0.68
CA LYS A 397 -31.99 23.20 -0.13
C LYS A 397 -32.05 22.31 1.10
N LEU A 398 -33.19 22.28 1.80
CA LEU A 398 -33.27 21.49 3.02
C LEU A 398 -33.08 20.01 2.73
N SER A 399 -33.70 19.50 1.67
CA SER A 399 -33.53 18.09 1.32
C SER A 399 -32.09 17.78 0.98
N LEU A 400 -31.43 18.66 0.21
CA LEU A 400 -30.04 18.43 -0.13
C LEU A 400 -29.17 18.37 1.11
N TYR A 401 -29.38 19.30 2.05
CA TYR A 401 -28.57 19.27 3.27
C TYR A 401 -28.88 18.03 4.10
N ARG A 402 -30.13 17.60 4.12
CA ARG A 402 -30.47 16.39 4.86
C ARG A 402 -29.72 15.18 4.29
N HIS A 403 -29.72 15.05 2.96
CA HIS A 403 -29.01 13.95 2.34
C HIS A 403 -27.51 14.03 2.61
N PHE A 404 -26.95 15.24 2.58
CA PHE A 404 -25.54 15.41 2.88
C PHE A 404 -25.21 14.94 4.30
N THR A 405 -26.05 15.33 5.26
CA THR A 405 -25.82 14.91 6.64
C THR A 405 -25.91 13.40 6.79
N ASN A 406 -26.89 12.78 6.14
CA ASN A 406 -27.01 11.33 6.22
C ASN A 406 -25.78 10.65 5.63
N THR A 407 -25.28 11.15 4.51
CA THR A 407 -24.08 10.57 3.91
C THR A 407 -22.89 10.68 4.86
N LEU A 408 -22.73 11.85 5.49
CA LEU A 408 -21.61 12.00 6.42
C LEU A 408 -21.74 11.04 7.59
N ILE A 409 -22.95 10.88 8.12
CA ILE A 409 -23.16 9.96 9.23
C ILE A 409 -22.78 8.54 8.84
N LEU A 410 -23.22 8.12 7.65
CA LEU A 410 -22.90 6.77 7.20
C LEU A 410 -21.40 6.59 7.02
N ALA A 411 -20.72 7.60 6.48
CA ALA A 411 -19.27 7.50 6.31
C ALA A 411 -18.58 7.35 7.65
N VAL A 412 -18.99 8.13 8.65
CA VAL A 412 -18.37 8.04 9.97
C VAL A 412 -18.59 6.67 10.57
N ALA A 413 -19.82 6.15 10.48
CA ALA A 413 -20.09 4.83 11.04
C ALA A 413 -19.25 3.76 10.36
N ALA A 414 -19.15 3.83 9.02
CA ALA A 414 -18.35 2.84 8.30
C ALA A 414 -16.89 2.91 8.72
N SER A 415 -16.35 4.12 8.88
CA SER A 415 -14.96 4.24 9.31
C SER A 415 -14.75 3.63 10.69
N ILE A 416 -15.66 3.89 11.61
CA ILE A 416 -15.53 3.32 12.95
C ILE A 416 -15.55 1.79 12.89
N VAL A 417 -16.50 1.24 12.13
CA VAL A 417 -16.61 -0.21 12.05
C VAL A 417 -15.36 -0.82 11.43
N PHE A 418 -14.84 -0.19 10.38
CA PHE A 418 -13.64 -0.72 9.74
C PHE A 418 -12.44 -0.69 10.67
N ILE A 419 -12.28 0.40 11.42
CA ILE A 419 -11.18 0.45 12.38
C ILE A 419 -11.32 -0.66 13.41
N ILE A 420 -12.53 -0.85 13.93
CA ILE A 420 -12.74 -1.89 14.93
C ILE A 420 -12.40 -3.26 14.35
N TRP A 421 -12.87 -3.53 13.13
CA TRP A 421 -12.64 -4.84 12.53
C TRP A 421 -11.16 -5.09 12.29
N THR A 422 -10.45 -4.09 11.76
CA THR A 422 -9.03 -4.28 11.52
C THR A 422 -8.28 -4.53 12.83
N THR A 423 -8.58 -3.73 13.85
CA THR A 423 -7.88 -3.91 15.13
C THR A 423 -8.19 -5.28 15.74
N MET A 424 -9.44 -5.73 15.67
CA MET A 424 -9.82 -7.00 16.25
C MET A 424 -9.42 -8.19 15.39
N LYS A 425 -9.00 -7.96 14.15
CA LYS A 425 -8.55 -9.06 13.30
C LYS A 425 -7.04 -9.18 13.18
N PHE A 426 -6.29 -8.11 13.50
CA PHE A 426 -4.84 -8.16 13.38
C PHE A 426 -4.15 -8.37 14.72
N ARG A 427 -4.41 -7.52 15.69
CA ARG A 427 -3.81 -7.66 17.02
C ARG A 427 -4.73 -8.44 17.96
N ILE A 428 -5.10 -9.64 17.53
CA ILE A 428 -6.02 -10.47 18.30
C ILE A 428 -5.51 -11.89 18.52
N VAL A 429 -4.56 -12.39 17.74
CA VAL A 429 -4.16 -13.79 17.81
C VAL A 429 -2.63 -13.87 17.86
N THR A 430 -2.15 -15.03 18.31
CA THR A 430 -0.70 -15.23 18.39
C THR A 430 -0.05 -15.02 17.04
N CYS A 431 -0.57 -15.65 16.00
CA CYS A 431 -0.07 -15.44 14.64
C CYS A 431 -1.18 -15.68 13.65
N GLN A 432 -1.30 -14.76 12.69
CA GLN A 432 -2.38 -14.83 11.71
C GLN A 432 -2.32 -16.13 10.93
N SER A 433 -3.45 -16.84 10.88
CA SER A 433 -3.57 -18.03 10.06
C SER A 433 -4.19 -17.74 8.70
N ASP A 434 -4.58 -16.49 8.44
CA ASP A 434 -5.17 -16.08 7.16
C ASP A 434 -4.43 -14.84 6.66
N TRP A 435 -3.31 -15.07 5.99
CA TRP A 435 -2.50 -14.00 5.42
C TRP A 435 -2.94 -13.63 4.01
N ARG A 436 -3.88 -14.37 3.43
CA ARG A 436 -4.27 -14.11 2.04
C ARG A 436 -4.83 -12.71 1.89
N GLU A 437 -5.79 -12.34 2.73
CA GLU A 437 -6.37 -10.99 2.69
C GLU A 437 -5.68 -10.09 3.70
N LEU A 438 -4.36 -9.97 3.55
CA LEU A 438 -3.58 -9.03 4.33
C LEU A 438 -3.41 -7.69 3.64
N TRP A 439 -3.83 -7.57 2.39
CA TRP A 439 -3.74 -6.33 1.63
C TRP A 439 -4.96 -5.44 1.81
N VAL A 440 -6.03 -5.95 2.40
CA VAL A 440 -7.27 -5.19 2.50
C VAL A 440 -7.07 -3.93 3.33
N ASP A 441 -6.13 -3.96 4.28
CA ASP A 441 -5.92 -2.80 5.13
C ASP A 441 -5.43 -1.59 4.33
N ASP A 442 -4.94 -1.79 3.12
CA ASP A 442 -4.44 -0.70 2.29
C ASP A 442 -5.36 -0.37 1.12
N ALA A 443 -6.59 -0.90 1.12
CA ALA A 443 -7.51 -0.67 0.02
C ALA A 443 -8.90 -0.23 0.44
N ILE A 444 -9.33 -0.52 1.67
CA ILE A 444 -10.68 -0.16 2.08
C ILE A 444 -10.85 1.36 2.11
N TRP A 445 -9.82 2.08 2.54
CA TRP A 445 -9.94 3.53 2.63
C TRP A 445 -10.18 4.17 1.27
N ARG A 446 -9.47 3.71 0.25
CA ARG A 446 -9.65 4.27 -1.09
C ARG A 446 -11.04 3.97 -1.62
N LEU A 447 -11.55 2.76 -1.39
CA LEU A 447 -12.90 2.43 -1.82
C LEU A 447 -13.94 3.30 -1.12
N LEU A 448 -13.76 3.51 0.19
CA LEU A 448 -14.70 4.37 0.92
C LEU A 448 -14.66 5.79 0.39
N PHE A 449 -13.47 6.32 0.12
CA PHE A 449 -13.36 7.66 -0.42
C PHE A 449 -14.04 7.74 -1.78
N SER A 450 -13.87 6.72 -2.62
CA SER A 450 -14.52 6.72 -3.92
C SER A 450 -16.04 6.74 -3.77
N MET A 451 -16.57 5.95 -2.84
CA MET A 451 -18.02 5.94 -2.63
C MET A 451 -18.52 7.31 -2.18
N ILE A 452 -17.82 7.94 -1.24
CA ILE A 452 -18.23 9.26 -0.78
C ILE A 452 -18.19 10.26 -1.93
N LEU A 453 -17.13 10.22 -2.72
CA LEU A 453 -17.00 11.15 -3.84
C LEU A 453 -18.12 10.94 -4.85
N PHE A 454 -18.49 9.69 -5.13
CA PHE A 454 -19.57 9.45 -6.06
C PHE A 454 -20.88 9.98 -5.53
N VAL A 455 -21.15 9.79 -4.24
CA VAL A 455 -22.39 10.30 -3.67
C VAL A 455 -22.43 11.82 -3.81
N ILE A 456 -21.33 12.49 -3.47
CA ILE A 456 -21.30 13.95 -3.57
C ILE A 456 -21.50 14.39 -5.01
N MET A 457 -20.85 13.71 -5.96
CA MET A 457 -21.04 14.03 -7.37
C MET A 457 -22.51 13.93 -7.75
N VAL A 458 -23.17 12.84 -7.38
CA VAL A 458 -24.57 12.67 -7.77
C VAL A 458 -25.43 13.76 -7.15
N LEU A 459 -25.11 14.18 -5.92
CA LEU A 459 -25.91 15.23 -5.29
C LEU A 459 -25.77 16.55 -6.03
N TRP A 460 -24.54 16.98 -6.30
CA TRP A 460 -24.28 18.25 -6.97
C TRP A 460 -24.09 18.07 -8.47
N ARG A 461 -25.06 17.48 -9.12
CA ARG A 461 -24.90 17.28 -10.55
C ARG A 461 -25.45 18.48 -11.31
N PRO A 462 -24.68 19.09 -12.20
CA PRO A 462 -25.21 20.22 -12.96
C PRO A 462 -26.46 19.83 -13.73
N SER A 463 -27.44 20.73 -13.74
CA SER A 463 -28.72 20.47 -14.37
C SER A 463 -29.23 21.77 -14.99
N ALA A 464 -30.36 21.66 -15.70
CA ALA A 464 -30.92 22.82 -16.39
C ALA A 464 -31.20 23.95 -15.40
N ASN A 465 -31.86 23.64 -14.30
CA ASN A 465 -32.15 24.63 -13.27
C ASN A 465 -31.05 24.68 -12.21
N ASN A 466 -29.82 24.87 -12.67
CA ASN A 466 -28.67 24.88 -11.78
C ASN A 466 -28.47 26.27 -11.18
N GLN A 467 -29.54 26.83 -10.61
CA GLN A 467 -29.47 28.15 -10.00
C GLN A 467 -30.14 28.20 -8.63
N ARG A 468 -30.49 27.06 -8.04
CA ARG A 468 -31.17 27.05 -6.76
C ARG A 468 -30.25 27.36 -5.59
N PHE A 469 -28.95 27.47 -5.81
CA PHE A 469 -27.97 27.65 -4.75
C PHE A 469 -27.21 28.96 -4.90
N ALA A 470 -27.93 30.05 -5.18
CA ALA A 470 -27.30 31.36 -5.29
C ALA A 470 -26.85 31.87 -3.93
C1 NAG B . 30.18 -26.83 4.21
C2 NAG B . 30.77 -28.24 4.10
C3 NAG B . 31.37 -28.68 5.43
C4 NAG B . 30.34 -28.65 6.55
C5 NAG B . 29.38 -27.49 6.33
C6 NAG B . 28.93 -26.84 7.62
C7 NAG B . 30.01 -30.08 2.68
C8 NAG B . 31.38 -30.07 2.08
N2 NAG B . 29.78 -29.19 3.64
O3 NAG B . 32.47 -27.85 5.76
O4 NAG B . 29.61 -29.86 6.57
O5 NAG B . 30.04 -26.47 5.57
O6 NAG B . 27.54 -27.03 7.85
O7 NAG B . 29.15 -30.88 2.31
C1 NAG C . 39.50 -25.91 -10.68
C2 NAG C . 38.92 -25.24 -11.93
C3 NAG C . 40.04 -24.64 -12.78
C4 NAG C . 41.33 -24.58 -11.98
C5 NAG C . 41.75 -25.99 -11.62
C6 NAG C . 42.88 -26.03 -10.61
C7 NAG C . 38.69 -27.23 -13.36
C8 NAG C . 37.74 -28.10 -14.12
N2 NAG C . 38.14 -26.19 -12.72
O3 NAG C . 39.66 -23.33 -13.18
O4 NAG C . 42.35 -23.97 -12.75
O5 NAG C . 40.65 -26.71 -11.03
O6 NAG C . 43.35 -24.72 -10.31
O7 NAG C . 39.89 -27.46 -13.32
N 65I D . -7.38 8.41 5.81
C 65I D . -5.04 7.25 19.09
O 65I D . -4.61 5.34 16.47
C1 65I D . -6.43 6.66 18.80
C10 65I D . -6.62 7.89 6.92
C11 65I D . -3.87 3.37 13.87
C12 65I D . -2.38 3.13 14.08
C13 65I D . -1.91 1.80 13.52
C14 65I D . -0.77 1.19 14.32
C15 65I D . -1.21 0.68 15.69
C16 65I D . -0.39 1.28 16.83
C17 65I D . -0.94 0.92 18.21
C18 65I D . 0.12 1.01 19.30
C19 65I D . 0.26 0.51 20.73
C2 65I D . -6.43 5.13 18.83
C20 65I D . 1.66 -0.04 21.01
C21 65I D . 2.74 1.05 20.99
C3 65I D . -7.36 4.53 17.76
C4 65I D . -6.64 4.15 16.47
C5 65I D . -5.68 5.24 15.99
C6 65I D . -6.05 5.59 13.68
C7 65I D . -4.59 5.50 13.21
C8 65I D . -4.35 6.45 12.04
C9 65I D . -7.45 7.97 8.21
O1 65I D . -6.08 6.12 14.97
O2 65I D . -5.29 6.20 11.04
O3 65I D . -7.05 8.05 11.45
O4 65I D . -5.12 8.55 9.99
O5 65I D . -6.97 6.99 9.09
O6 65I D . -4.31 4.19 12.82
O7 65I D . -4.65 2.85 14.58
P 65I D . -6.11 7.49 10.41
H1 65I D . -6.80 9.02 5.25
H2 65I D . -8.17 8.92 6.14
H4 65I D . -4.35 6.93 18.32
H5 65I D . -5.11 8.33 19.12
H6 65I D . -4.69 6.87 20.05
H7 65I D . -6.75 7.00 17.82
H8 65I D . -7.12 7.03 19.55
H9 65I D . -5.72 8.49 7.05
H10 65I D . -6.34 6.87 6.74
H11 65I D . -1.82 3.92 13.59
H12 65I D . -2.17 3.17 15.14
H13 65I D . -1.59 1.93 12.49
H14 65I D . -2.75 1.11 13.53
H15 65I D . 0.00 1.95 14.47
H16 65I D . -0.34 0.37 13.76
H17 65I D . -2.26 0.94 15.83
H18 65I D . -1.11 -0.40 15.71
H19 65I D . 0.62 0.90 16.76
H20 65I D . -0.37 2.36 16.72
H21 65I D . -1.34 -0.10 18.17
H22 65I D . -1.76 1.60 18.44
H23 65I D . 0.16 -0.05 19.11
H24 65I D . -0.66 1.59 19.77
H25 65I D . 0.06 1.32 21.41
H26 65I D . -0.46 -0.28 20.90
H27 65I D . -5.43 4.77 18.67
H28 65I D . -6.77 4.80 19.81
H29 65I D . 1.67 -0.50 22.00
H30 65I D . 1.91 -0.79 20.27
H31 65I D . 2.71 1.56 20.03
H32 65I D . 2.54 1.77 21.79
H33 65I D . 3.71 0.61 21.14
H34 65I D . -7.82 3.64 18.18
H35 65I D . -8.14 5.25 17.54
H36 65I D . -6.08 3.24 16.64
H37 65I D . -7.39 3.98 15.71
H38 65I D . -6.48 4.59 13.69
H39 65I D . -6.60 6.22 13.02
H40 65I D . -3.92 5.77 14.03
H41 65I D . -3.35 6.30 11.65
H42 65I D . -4.44 7.48 12.39
H43 65I D . -8.49 7.77 7.98
H44 65I D . -7.34 8.95 8.65
C1 NAG E . 7.72 -32.42 -13.46
C2 NAG E . 6.64 -31.47 -13.98
C3 NAG E . 6.97 -31.06 -15.42
C4 NAG E . 8.38 -30.51 -15.51
C5 NAG E . 9.37 -31.49 -14.91
C6 NAG E . 10.79 -30.96 -14.86
C7 NAG E . 4.23 -31.37 -13.61
C8 NAG E . 2.94 -32.15 -13.57
N2 NAG E . 5.33 -32.06 -13.91
O3 NAG E . 6.03 -30.08 -15.85
O4 NAG E . 8.72 -30.26 -16.87
O5 NAG E . 9.00 -31.82 -13.57
O6 NAG E . 11.50 -31.46 -13.75
O7 NAG E . 4.26 -30.16 -13.39
#